data_4RGF
#
_entry.id   4RGF
#
_cell.length_a   64.299
_cell.length_b   64.299
_cell.length_c   584.991
_cell.angle_alpha   90.00
_cell.angle_beta   90.00
_cell.angle_gamma   120.00
#
_symmetry.space_group_name_H-M   'P 61 2 2'
#
loop_
_entity.id
_entity.type
_entity.pdbx_description
1 polymer 'env22 twister ribozyme'
2 non-polymer 'MANGANESE (II) ION'
3 non-polymer 'POTASSIUM ION'
4 non-polymer 'MAGNESIUM ION'
5 water water
#
_entity_poly.entity_id   1
_entity_poly.type   'polyribonucleotide'
_entity_poly.pdbx_seq_one_letter_code
;UUUU(DU)AAUGAAGCCACAGGCCUGUGAGGGUCCUAAGCCCCUAAUUCAGAAGGGAAA
;
_entity_poly.pdbx_strand_id   A,B,C
#
loop_
_chem_comp.id
_chem_comp.type
_chem_comp.name
_chem_comp.formula
A RNA linking ADENOSINE-5'-MONOPHOSPHATE 'C10 H14 N5 O7 P'
C RNA linking CYTIDINE-5'-MONOPHOSPHATE 'C9 H14 N3 O8 P'
DU DNA linking 2'-DEOXYURIDINE-5'-MONOPHOSPHATE 'C9 H13 N2 O8 P'
G RNA linking GUANOSINE-5'-MONOPHOSPHATE 'C10 H14 N5 O8 P'
K non-polymer 'POTASSIUM ION' 'K 1'
MG non-polymer 'MAGNESIUM ION' 'Mg 2'
MN non-polymer 'MANGANESE (II) ION' 'Mn 2'
U RNA linking URIDINE-5'-MONOPHOSPHATE 'C9 H13 N2 O9 P'
#
# COMPACT_ATOMS: atom_id res chain seq x y z
MN MN D . -15.21 1.35 12.06
MN MN E . 13.94 -6.45 26.22
MN MN F . -10.46 -11.43 10.40
MN MN G . -15.08 -11.98 22.92
MN MN H . -10.23 0.17 9.43
K K I . -26.92 1.35 0.46
K K J . -23.63 -6.72 7.25
K K K . -25.86 14.18 11.62
K K L . -1.27 -0.78 17.43
K K M . -13.48 -10.69 4.72
K K N . -18.06 -13.44 1.79
K K O . -27.76 1.58 -6.56
MN MN P . 7.48 -10.59 -12.35
MN MN Q . 7.32 4.72 -20.03
K K R . 2.28 -8.44 -1.96
K K S . 6.22 -11.76 -27.96
K K T . 21.62 -13.16 6.31
K K U . 15.46 -4.69 -5.14
K K V . 15.26 -12.61 1.60
MG MG W . 6.46 21.28 -10.64
MN MN X . 18.30 0.22 -2.52
MN MN Y . 12.15 15.81 -20.74
MN MN Z . 10.65 6.19 -4.13
MN MN AA . 20.63 17.02 -14.06
K K BA . 11.06 23.94 2.81
K K CA . 19.13 14.93 -8.94
#